data_7UAV
#
_entry.id   7UAV
#
_cell.length_a   155.954
_cell.length_b   155.954
_cell.length_c   161.448
_cell.angle_alpha   90.000
_cell.angle_beta   90.000
_cell.angle_gamma   120.000
#
_symmetry.space_group_name_H-M   'H 3 2'
#
loop_
_entity.id
_entity.type
_entity.pdbx_description
1 polymer 'ABC transporter ATPase'
2 water water
#
_entity_poly.entity_id   1
_entity_poly.type   'polypeptide(L)'
_entity_poly.pdbx_seq_one_letter_code
;S(MSE)KELSTIQKREKLNTVERIGSEGPGGAYHEYVIKSNS(MSE)DSQGNYDVYETIKFQKGARKEEKSQHGVIDSDL
LEIVRDRLKSFQAGPFSSRENACALTHVEEAL(MSE)W(MSE)NRRVEDRIERNVLGTNTK
;
_entity_poly.pdbx_strand_id   A,B,C,D,E
#
# COMPACT_ATOMS: atom_id res chain seq x y z
N LYS A 3 18.91 29.69 4.13
CA LYS A 3 17.81 29.36 3.23
C LYS A 3 17.58 27.84 3.17
N GLU A 4 18.47 27.10 3.82
CA GLU A 4 18.37 25.65 3.86
C GLU A 4 17.39 25.21 4.93
N LEU A 5 16.57 24.21 4.62
CA LEU A 5 15.56 23.74 5.55
C LEU A 5 16.19 22.93 6.68
N SER A 6 15.69 23.16 7.90
CA SER A 6 15.99 22.32 9.04
C SER A 6 14.95 21.20 9.08
N THR A 7 15.38 19.97 8.80
CA THR A 7 14.49 18.85 8.59
C THR A 7 14.32 18.02 9.86
N ILE A 8 13.26 17.20 9.86
CA ILE A 8 13.04 16.28 10.97
C ILE A 8 14.16 15.26 11.04
N GLN A 9 14.50 14.65 9.91
CA GLN A 9 15.64 13.74 9.85
C GLN A 9 16.94 14.52 9.99
N LYS A 10 17.79 14.11 10.94
CA LYS A 10 19.02 14.81 11.23
C LYS A 10 20.27 14.09 10.75
N ARG A 11 20.25 12.77 10.63
CA ARG A 11 21.44 11.99 10.35
C ARG A 11 21.29 11.20 9.05
N GLU A 12 22.41 11.09 8.33
CA GLU A 12 22.49 10.31 7.09
C GLU A 12 21.43 10.78 6.08
N LYS A 13 21.46 12.07 5.78
CA LYS A 13 20.54 12.64 4.81
C LYS A 13 21.10 12.47 3.41
N LEU A 14 20.27 11.97 2.50
CA LEU A 14 20.70 11.85 1.11
C LEU A 14 20.76 13.21 0.44
N ASN A 15 19.77 14.06 0.70
CA ASN A 15 19.64 15.34 0.02
C ASN A 15 19.39 16.45 1.03
N THR A 16 19.69 17.67 0.63
CA THR A 16 19.28 18.87 1.35
C THR A 16 18.20 19.58 0.56
N VAL A 17 17.42 20.40 1.27
CA VAL A 17 16.34 21.17 0.68
C VAL A 17 16.54 22.63 1.06
N GLU A 18 16.30 23.54 0.10
CA GLU A 18 16.48 24.96 0.34
C GLU A 18 15.43 25.74 -0.42
N ARG A 19 15.11 26.92 0.10
CA ARG A 19 14.17 27.81 -0.55
C ARG A 19 14.87 28.62 -1.63
N ILE A 20 14.14 28.93 -2.70
CA ILE A 20 14.61 29.80 -3.76
C ILE A 20 13.73 31.05 -3.78
N GLY A 21 14.34 32.20 -4.02
CA GLY A 21 13.59 33.42 -4.15
C GLY A 21 13.21 34.04 -2.82
N SER A 22 12.14 34.83 -2.86
CA SER A 22 11.67 35.60 -1.72
C SER A 22 10.28 35.13 -1.32
N GLU A 23 9.75 35.73 -0.27
CA GLU A 23 8.39 35.45 0.16
C GLU A 23 7.40 36.08 -0.80
N GLY A 24 6.31 35.38 -1.08
CA GLY A 24 5.30 35.88 -1.96
C GLY A 24 3.94 35.91 -1.29
N PRO A 25 2.91 35.47 -2.03
CA PRO A 25 1.56 35.46 -1.46
C PRO A 25 1.50 34.67 -0.16
N GLY A 26 0.91 35.28 0.87
CA GLY A 26 0.79 34.66 2.16
C GLY A 26 2.08 34.56 2.95
N GLY A 27 3.17 35.10 2.44
CA GLY A 27 4.45 34.96 3.10
C GLY A 27 5.18 33.68 2.80
N ALA A 28 4.73 32.91 1.82
CA ALA A 28 5.31 31.62 1.50
C ALA A 28 6.30 31.74 0.36
N TYR A 29 7.24 30.79 0.32
CA TYR A 29 8.16 30.65 -0.80
C TYR A 29 7.54 29.76 -1.86
N HIS A 30 7.77 30.10 -3.12
CA HIS A 30 7.10 29.40 -4.22
C HIS A 30 8.09 28.73 -5.18
N GLU A 31 9.31 28.49 -4.73
CA GLU A 31 10.28 27.71 -5.51
C GLU A 31 11.26 27.07 -4.53
N TYR A 32 11.53 25.79 -4.71
CA TYR A 32 12.41 25.03 -3.84
C TYR A 32 13.37 24.21 -4.69
N VAL A 33 14.51 23.86 -4.10
CA VAL A 33 15.51 23.04 -4.76
C VAL A 33 15.85 21.86 -3.84
N ILE A 34 15.79 20.66 -4.38
CA ILE A 34 16.30 19.46 -3.73
C ILE A 34 17.61 19.08 -4.41
N LYS A 35 18.69 19.04 -3.65
CA LYS A 35 20.00 18.72 -4.19
C LYS A 35 20.70 17.71 -3.28
N SER A 36 21.54 16.89 -3.89
CA SER A 36 22.24 15.84 -3.15
C SER A 36 23.37 16.42 -2.33
N ASN A 37 23.69 15.72 -1.23
CA ASN A 37 24.93 15.97 -0.51
C ASN A 37 26.11 15.22 -1.11
N SER A 38 25.89 14.51 -2.21
CA SER A 38 26.90 13.69 -2.86
C SER A 38 27.32 14.32 -4.17
N ASP A 40 29.50 13.71 -7.88
CA ASP A 40 29.98 12.68 -8.79
C ASP A 40 31.46 12.92 -9.10
N SER A 41 31.99 12.23 -10.11
CA SER A 41 33.40 12.34 -10.42
C SER A 41 33.77 13.70 -10.97
N GLN A 42 32.88 14.33 -11.74
CA GLN A 42 33.16 15.64 -12.29
C GLN A 42 33.07 16.75 -11.26
N GLY A 43 32.32 16.54 -10.18
CA GLY A 43 32.12 17.55 -9.17
C GLY A 43 30.73 18.15 -9.14
N ASN A 44 29.85 17.78 -10.08
CA ASN A 44 28.49 18.27 -10.10
C ASN A 44 27.62 17.45 -9.15
N TYR A 45 26.41 17.94 -8.91
CA TYR A 45 25.48 17.25 -8.02
C TYR A 45 24.98 15.96 -8.65
N ASP A 46 24.91 14.90 -7.85
CA ASP A 46 24.21 13.70 -8.29
C ASP A 46 22.72 13.97 -8.50
N VAL A 47 22.15 14.84 -7.66
CA VAL A 47 20.74 15.20 -7.75
C VAL A 47 20.64 16.73 -7.70
N TYR A 48 19.86 17.29 -8.61
CA TYR A 48 19.52 18.73 -8.55
C TYR A 48 18.15 18.88 -9.20
N GLU A 49 17.13 19.09 -8.37
CA GLU A 49 15.75 19.16 -8.84
C GLU A 49 15.08 20.41 -8.31
N THR A 50 14.41 21.14 -9.20
CA THR A 50 13.71 22.37 -8.88
C THR A 50 12.21 22.13 -8.91
N ILE A 51 11.50 22.73 -7.97
CA ILE A 51 10.05 22.57 -7.86
C ILE A 51 9.44 23.97 -7.73
N LYS A 52 8.76 24.41 -8.78
CA LYS A 52 8.13 25.73 -8.82
C LYS A 52 6.65 25.60 -8.50
N PHE A 53 6.18 26.40 -7.54
CA PHE A 53 4.78 26.34 -7.12
C PHE A 53 3.92 27.34 -7.89
N GLN A 54 2.65 26.97 -8.07
CA GLN A 54 1.67 27.91 -8.59
C GLN A 54 1.58 29.11 -7.67
N LYS A 55 1.64 30.31 -8.25
CA LYS A 55 1.64 31.57 -7.52
C LYS A 55 0.61 32.46 -8.18
N GLY A 56 -0.64 32.35 -7.76
CA GLY A 56 -1.75 33.05 -8.39
C GLY A 56 -2.64 32.11 -9.16
N ALA A 57 -3.76 32.67 -9.61
CA ALA A 57 -4.80 31.86 -10.25
C ALA A 57 -4.32 31.31 -11.59
N ARG A 58 -4.61 30.03 -11.83
CA ARG A 58 -4.18 29.37 -13.06
C ARG A 58 -4.78 30.04 -14.29
N LYS A 59 -5.96 30.65 -14.16
CA LYS A 59 -6.61 31.27 -15.31
C LYS A 59 -6.03 32.62 -15.66
N GLU A 60 -5.14 33.18 -14.82
CA GLU A 60 -4.51 34.46 -15.08
C GLU A 60 -3.16 34.23 -15.73
N GLU A 61 -3.00 34.75 -16.95
CA GLU A 61 -1.79 34.50 -17.72
C GLU A 61 -0.56 35.15 -17.10
N LYS A 62 -0.73 36.13 -16.21
CA LYS A 62 0.41 36.78 -15.56
C LYS A 62 0.94 35.98 -14.37
N SER A 63 0.26 34.93 -13.96
CA SER A 63 0.66 34.19 -12.77
C SER A 63 1.83 33.25 -13.07
N GLN A 64 2.56 32.90 -12.01
CA GLN A 64 3.51 31.80 -12.08
C GLN A 64 2.75 30.48 -11.99
N HIS A 65 2.84 29.67 -13.03
CA HIS A 65 2.17 28.37 -13.06
C HIS A 65 3.10 27.29 -12.52
N GLY A 66 2.52 26.35 -11.77
CA GLY A 66 3.29 25.27 -11.20
C GLY A 66 2.49 24.29 -10.38
N VAL A 67 3.16 23.59 -9.47
CA VAL A 67 2.54 22.57 -8.63
C VAL A 67 1.89 23.24 -7.43
N ILE A 68 1.03 22.50 -6.73
CA ILE A 68 0.53 22.93 -5.43
C ILE A 68 0.88 21.85 -4.41
N ASP A 69 0.65 22.17 -3.14
CA ASP A 69 1.17 21.33 -2.06
C ASP A 69 0.52 19.95 -2.06
N SER A 70 -0.79 19.88 -2.35
CA SER A 70 -1.45 18.58 -2.36
C SER A 70 -0.91 17.68 -3.46
N ASP A 71 -0.44 18.26 -4.57
CA ASP A 71 0.23 17.46 -5.60
C ASP A 71 1.38 16.65 -5.02
N LEU A 72 2.22 17.30 -4.19
CA LEU A 72 3.37 16.61 -3.62
C LEU A 72 2.94 15.54 -2.62
N LEU A 73 1.95 15.84 -1.77
CA LEU A 73 1.48 14.84 -0.80
C LEU A 73 0.81 13.66 -1.48
N GLU A 74 0.16 13.87 -2.63
CA GLU A 74 -0.49 12.77 -3.33
C GLU A 74 0.53 11.80 -3.90
N ILE A 75 1.66 12.32 -4.37
CA ILE A 75 2.74 11.43 -4.82
C ILE A 75 3.24 10.57 -3.66
N VAL A 76 3.50 11.19 -2.50
CA VAL A 76 3.96 10.44 -1.35
C VAL A 76 2.88 9.47 -0.86
N ARG A 77 1.62 9.91 -0.88
CA ARG A 77 0.52 9.02 -0.54
C ARG A 77 0.52 7.79 -1.43
N ASP A 78 0.70 7.99 -2.74
CA ASP A 78 0.68 6.85 -3.66
C ASP A 78 1.84 5.91 -3.42
N ARG A 79 3.01 6.46 -3.09
CA ARG A 79 4.17 5.61 -2.83
C ARG A 79 4.00 4.82 -1.53
N LEU A 80 3.47 5.46 -0.49
CA LEU A 80 3.22 4.74 0.75
C LEU A 80 2.16 3.66 0.58
N LYS A 81 1.20 3.88 -0.30
CA LYS A 81 0.20 2.85 -0.57
C LYS A 81 0.80 1.67 -1.33
N SER A 82 1.68 1.94 -2.29
CA SER A 82 2.36 0.87 -3.00
C SER A 82 3.28 0.10 -2.07
N PHE A 83 3.96 0.81 -1.14
CA PHE A 83 4.82 0.13 -0.19
C PHE A 83 4.02 -0.74 0.77
N GLN A 84 2.86 -0.24 1.21
CA GLN A 84 2.04 -0.97 2.17
C GLN A 84 1.31 -2.16 1.54
N ALA A 85 1.11 -2.16 0.23
CA ALA A 85 0.55 -3.32 -0.46
C ALA A 85 1.60 -4.33 -0.87
N GLY A 86 2.89 -4.01 -0.72
CA GLY A 86 3.95 -4.89 -1.14
C GLY A 86 4.58 -5.64 0.02
N PRO A 87 5.68 -6.33 -0.25
CA PRO A 87 6.31 -7.15 0.79
C PRO A 87 7.07 -6.34 1.83
N PHE A 88 7.30 -5.05 1.60
CA PHE A 88 8.03 -4.20 2.53
C PHE A 88 7.11 -3.41 3.45
N SER A 89 5.85 -3.81 3.59
CA SER A 89 4.92 -3.08 4.43
C SER A 89 5.39 -3.10 5.88
N SER A 90 5.01 -2.06 6.62
CA SER A 90 5.44 -1.93 8.01
C SER A 90 4.43 -1.07 8.76
N ARG A 91 4.53 -1.11 10.08
CA ARG A 91 3.66 -0.27 10.91
C ARG A 91 4.07 1.20 10.83
N GLU A 92 5.35 1.48 10.66
CA GLU A 92 5.79 2.87 10.57
C GLU A 92 5.17 3.57 9.37
N ASN A 93 5.24 2.96 8.19
CA ASN A 93 4.69 3.58 6.99
C ASN A 93 3.16 3.54 6.97
N ALA A 94 2.54 2.68 7.76
CA ALA A 94 1.09 2.71 7.88
C ALA A 94 0.63 3.94 8.68
N CYS A 95 1.38 4.29 9.73
CA CYS A 95 1.07 5.51 10.46
C CYS A 95 1.37 6.74 9.62
N ALA A 96 2.47 6.73 8.88
CA ALA A 96 2.80 7.86 8.02
C ALA A 96 1.76 8.04 6.92
N LEU A 97 1.28 6.94 6.34
CA LEU A 97 0.25 7.01 5.31
C LEU A 97 -1.02 7.66 5.85
N THR A 98 -1.48 7.20 7.02
CA THR A 98 -2.70 7.75 7.62
C THR A 98 -2.56 9.24 7.89
N HIS A 99 -1.37 9.67 8.36
CA HIS A 99 -1.15 11.09 8.62
C HIS A 99 -1.12 11.90 7.33
N VAL A 100 -0.50 11.36 6.28
CA VAL A 100 -0.45 12.06 5.01
C VAL A 100 -1.86 12.25 4.44
N GLU A 101 -2.71 11.24 4.58
CA GLU A 101 -4.06 11.35 4.04
C GLU A 101 -4.90 12.33 4.84
N GLU A 102 -4.75 12.33 6.18
CA GLU A 102 -5.48 13.30 6.99
C GLU A 102 -4.99 14.72 6.74
N ALA A 103 -3.70 14.90 6.41
CA ALA A 103 -3.24 16.21 5.96
C ALA A 103 -3.90 16.61 4.65
N LEU A 104 -3.92 15.69 3.68
CA LEU A 104 -4.57 15.96 2.41
C LEU A 104 -6.04 16.31 2.57
N TRP A 106 -7.51 17.72 5.31
CA TRP A 106 -7.63 19.04 5.91
C TRP A 106 -7.41 20.15 4.88
N ASN A 108 -8.05 20.04 1.71
CA ASN A 108 -9.17 20.09 0.78
C ASN A 108 -10.40 20.77 1.36
N ARG A 109 -10.44 20.99 2.69
CA ARG A 109 -11.61 21.59 3.31
C ARG A 109 -11.84 23.02 2.81
N ARG A 110 -10.79 23.83 2.81
CA ARG A 110 -10.93 25.24 2.38
C ARG A 110 -11.25 25.33 0.89
N VAL A 111 -10.66 24.46 0.07
CA VAL A 111 -10.97 24.44 -1.36
C VAL A 111 -12.45 24.19 -1.57
N GLU A 112 -12.99 23.16 -0.91
CA GLU A 112 -14.39 22.80 -1.11
C GLU A 112 -15.32 23.88 -0.58
N ASP A 113 -15.00 24.46 0.59
CA ASP A 113 -15.84 25.53 1.11
C ASP A 113 -15.85 26.73 0.18
N ARG A 114 -14.70 27.06 -0.40
CA ARG A 114 -14.63 28.19 -1.33
C ARG A 114 -15.44 27.94 -2.59
N ILE A 115 -15.41 26.70 -3.10
CA ILE A 115 -16.22 26.35 -4.27
C ILE A 115 -17.70 26.53 -3.96
N GLU A 116 -18.14 26.08 -2.78
CA GLU A 116 -19.54 26.20 -2.41
C GLU A 116 -19.96 27.66 -2.30
N ARG A 117 -19.05 28.54 -1.89
CA ARG A 117 -19.38 29.96 -1.82
C ARG A 117 -19.50 30.58 -3.21
N ASN A 118 -18.66 30.14 -4.16
CA ASN A 118 -18.62 30.78 -5.47
C ASN A 118 -19.84 30.47 -6.31
N VAL A 119 -20.45 29.29 -6.13
CA VAL A 119 -21.64 28.97 -6.92
C VAL A 119 -22.84 29.78 -6.44
N LEU A 120 -22.89 30.12 -5.16
CA LEU A 120 -23.96 30.95 -4.61
C LEU A 120 -23.58 32.43 -4.64
N LYS B 3 -2.63 5.14 -15.10
CA LYS B 3 -1.50 5.76 -14.42
C LYS B 3 -1.89 7.02 -13.65
N GLU B 4 -3.01 7.63 -13.98
CA GLU B 4 -3.43 8.85 -13.32
C GLU B 4 -3.89 8.56 -11.89
N LEU B 5 -3.50 9.43 -10.97
CA LEU B 5 -3.79 9.22 -9.55
C LEU B 5 -5.22 9.63 -9.20
N SER B 6 -5.83 8.86 -8.32
CA SER B 6 -7.09 9.24 -7.68
C SER B 6 -6.73 10.03 -6.43
N THR B 7 -6.94 11.33 -6.48
CA THR B 7 -6.54 12.22 -5.40
C THR B 7 -7.71 12.47 -4.44
N ILE B 8 -7.36 12.97 -3.25
CA ILE B 8 -8.40 13.34 -2.29
C ILE B 8 -9.28 14.44 -2.86
N GLN B 9 -8.68 15.42 -3.52
CA GLN B 9 -9.42 16.49 -4.18
C GLN B 9 -10.04 15.96 -5.48
N LYS B 10 -11.32 16.28 -5.69
CA LYS B 10 -12.03 15.84 -6.88
C LYS B 10 -12.40 16.97 -7.83
N ARG B 11 -12.73 18.15 -7.31
CA ARG B 11 -13.27 19.23 -8.11
C ARG B 11 -12.25 20.34 -8.30
N GLU B 12 -12.25 20.93 -9.49
CA GLU B 12 -11.42 22.09 -9.82
C GLU B 12 -9.94 21.81 -9.56
N LYS B 13 -9.50 20.61 -9.94
CA LYS B 13 -8.10 20.24 -9.80
C LYS B 13 -7.25 21.04 -10.78
N LEU B 14 -6.18 21.67 -10.28
CA LEU B 14 -5.29 22.44 -11.15
C LEU B 14 -4.42 21.54 -12.02
N ASN B 15 -3.88 20.47 -11.43
CA ASN B 15 -2.93 19.61 -12.11
C ASN B 15 -3.36 18.15 -11.98
N THR B 16 -2.86 17.34 -12.91
CA THR B 16 -2.99 15.90 -12.86
C THR B 16 -1.65 15.29 -12.48
N VAL B 17 -1.67 14.29 -11.59
CA VAL B 17 -0.48 13.54 -11.23
C VAL B 17 -0.55 12.17 -11.89
N GLU B 18 0.59 11.70 -12.39
CA GLU B 18 0.65 10.50 -13.21
C GLU B 18 1.89 9.70 -12.86
N ARG B 19 1.74 8.38 -12.79
CA ARG B 19 2.87 7.49 -12.61
C ARG B 19 3.60 7.26 -13.92
N ILE B 20 4.93 7.25 -13.86
CA ILE B 20 5.78 7.03 -15.03
C ILE B 20 6.57 5.75 -14.80
N GLY B 21 6.77 4.99 -15.87
CA GLY B 21 7.58 3.79 -15.77
C GLY B 21 6.83 2.62 -15.15
N SER B 22 7.59 1.72 -14.54
CA SER B 22 7.06 0.50 -13.96
C SER B 22 7.30 0.47 -12.46
N GLU B 23 6.65 -0.50 -11.81
CA GLU B 23 6.91 -0.78 -10.41
C GLU B 23 8.30 -1.38 -10.26
N GLY B 24 8.96 -1.03 -9.15
CA GLY B 24 10.28 -1.53 -8.89
C GLY B 24 10.41 -2.12 -7.50
N PRO B 25 11.40 -1.65 -6.74
CA PRO B 25 11.55 -2.10 -5.35
C PRO B 25 10.29 -1.84 -4.53
N GLY B 26 9.76 -2.90 -3.91
CA GLY B 26 8.60 -2.81 -3.07
C GLY B 26 7.27 -2.70 -3.79
N GLY B 27 7.28 -2.72 -5.13
CA GLY B 27 6.07 -2.51 -5.89
C GLY B 27 5.69 -1.06 -6.11
N ALA B 28 6.59 -0.13 -5.82
CA ALA B 28 6.31 1.30 -5.92
C ALA B 28 6.92 1.88 -7.18
N TYR B 29 6.29 2.94 -7.67
CA TYR B 29 6.81 3.69 -8.81
C TYR B 29 7.83 4.71 -8.33
N HIS B 30 8.83 4.97 -9.17
CA HIS B 30 9.94 5.83 -8.80
C HIS B 30 10.07 7.05 -9.73
N GLU B 31 9.02 7.36 -10.47
CA GLU B 31 8.99 8.55 -11.30
C GLU B 31 7.55 8.99 -11.47
N TYR B 32 7.30 10.28 -11.29
CA TYR B 32 5.96 10.85 -11.36
C TYR B 32 6.01 12.13 -12.17
N VAL B 33 4.89 12.45 -12.83
CA VAL B 33 4.73 13.69 -13.58
C VAL B 33 3.55 14.46 -12.98
N ILE B 34 3.77 15.74 -12.69
CA ILE B 34 2.69 16.66 -12.36
C ILE B 34 2.48 17.54 -13.59
N LYS B 35 1.31 17.45 -14.21
CA LYS B 35 1.03 18.22 -15.42
C LYS B 35 -0.30 18.95 -15.27
N SER B 36 -0.35 20.16 -15.84
CA SER B 36 -1.53 20.99 -15.72
C SER B 36 -2.69 20.40 -16.52
N ASN B 37 -3.90 20.73 -16.09
CA ASN B 37 -5.11 20.42 -16.85
C ASN B 37 -5.44 21.49 -17.88
N SER B 38 -4.50 22.39 -18.15
CA SER B 38 -4.71 23.50 -19.08
C SER B 38 -3.53 23.58 -20.04
N ASP B 40 -1.86 25.86 -23.75
CA ASP B 40 -1.95 27.00 -24.64
C ASP B 40 -2.62 26.58 -25.94
N SER B 41 -2.69 27.50 -26.89
CA SER B 41 -3.37 27.23 -28.15
C SER B 41 -2.64 26.20 -29.00
N GLN B 42 -1.36 25.96 -28.73
CA GLN B 42 -0.56 25.03 -29.51
C GLN B 42 -0.49 23.63 -28.88
N GLY B 43 -1.23 23.39 -27.81
CA GLY B 43 -1.20 22.10 -27.15
C GLY B 43 -0.09 21.90 -26.16
N ASN B 44 0.56 22.98 -25.71
CA ASN B 44 1.62 22.87 -24.71
C ASN B 44 1.03 22.94 -23.31
N TYR B 45 1.51 22.05 -22.44
CA TYR B 45 1.10 22.10 -21.04
C TYR B 45 1.65 23.35 -20.36
N ASP B 46 0.79 24.00 -19.57
CA ASP B 46 1.27 25.10 -18.73
C ASP B 46 2.28 24.60 -17.70
N VAL B 47 2.05 23.40 -17.18
CA VAL B 47 2.92 22.77 -16.19
C VAL B 47 3.24 21.36 -16.66
N TYR B 48 4.52 20.99 -16.60
CA TYR B 48 4.91 19.60 -16.85
C TYR B 48 6.20 19.37 -16.04
N GLU B 49 6.03 18.84 -14.84
CA GLU B 49 7.13 18.67 -13.89
C GLU B 49 7.32 17.19 -13.61
N THR B 50 8.53 16.69 -13.86
CA THR B 50 8.89 15.30 -13.58
C THR B 50 9.61 15.24 -12.24
N ILE B 51 9.34 14.19 -11.47
CA ILE B 51 9.94 13.99 -10.16
C ILE B 51 10.47 12.56 -10.11
N LYS B 52 11.80 12.42 -10.10
CA LYS B 52 12.45 11.11 -10.05
C LYS B 52 12.87 10.83 -8.61
N PHE B 53 12.58 9.61 -8.16
CA PHE B 53 12.94 9.16 -6.82
C PHE B 53 14.22 8.34 -6.85
N GLN B 54 14.96 8.39 -5.75
CA GLN B 54 16.11 7.52 -5.56
C GLN B 54 15.68 6.07 -5.65
N LYS B 55 16.29 5.32 -6.56
CA LYS B 55 16.03 3.89 -6.72
C LYS B 55 17.36 3.17 -6.68
N GLY B 56 17.63 2.48 -5.57
CA GLY B 56 18.92 1.87 -5.33
C GLY B 56 19.78 2.75 -4.43
N ALA B 57 20.83 2.13 -3.88
CA ALA B 57 21.70 2.83 -2.95
C ALA B 57 22.37 4.02 -3.64
N ARG B 58 22.50 5.12 -2.90
CA ARG B 58 23.13 6.32 -3.44
C ARG B 58 24.59 6.06 -3.80
N LYS B 59 25.26 5.15 -3.08
CA LYS B 59 26.66 4.88 -3.33
C LYS B 59 26.90 4.07 -4.61
N GLU B 60 25.86 3.46 -5.16
CA GLU B 60 26.00 2.64 -6.35
C GLU B 60 25.79 3.49 -7.60
N GLU B 61 26.69 3.36 -8.57
CA GLU B 61 26.63 4.17 -9.79
C GLU B 61 25.50 3.75 -10.71
N LYS B 62 25.04 2.49 -10.63
CA LYS B 62 23.95 2.01 -11.48
C LYS B 62 22.59 2.45 -10.97
N SER B 63 22.50 2.94 -9.74
CA SER B 63 21.22 3.33 -9.16
C SER B 63 20.67 4.59 -9.85
N GLN B 64 19.36 4.76 -9.76
CA GLN B 64 18.70 6.00 -10.17
C GLN B 64 18.75 6.96 -8.99
N HIS B 65 19.54 8.02 -9.12
CA HIS B 65 19.64 9.02 -8.07
C HIS B 65 18.52 10.03 -8.18
N GLY B 66 17.93 10.39 -7.04
CA GLY B 66 16.82 11.30 -7.05
C GLY B 66 16.38 11.66 -5.65
N VAL B 67 15.16 12.18 -5.55
CA VAL B 67 14.60 12.65 -4.29
C VAL B 67 14.07 11.46 -3.48
N ILE B 68 13.76 11.70 -2.21
CA ILE B 68 13.07 10.74 -1.38
C ILE B 68 11.80 11.40 -0.85
N ASP B 69 10.93 10.59 -0.26
CA ASP B 69 9.59 11.05 0.09
C ASP B 69 9.64 12.13 1.16
N SER B 70 10.52 11.98 2.16
CA SER B 70 10.62 12.98 3.21
C SER B 70 11.05 14.34 2.66
N ASP B 71 11.83 14.36 1.56
CA ASP B 71 12.18 15.63 0.92
C ASP B 71 10.93 16.40 0.50
N LEU B 72 9.95 15.70 -0.06
CA LEU B 72 8.74 16.38 -0.54
C LEU B 72 7.89 16.86 0.62
N LEU B 73 7.79 16.06 1.69
CA LEU B 73 7.03 16.50 2.85
C LEU B 73 7.69 17.68 3.55
N GLU B 74 9.03 17.74 3.56
CA GLU B 74 9.72 18.86 4.18
C GLU B 74 9.42 20.17 3.43
N ILE B 75 9.28 20.10 2.10
CA ILE B 75 8.87 21.28 1.35
C ILE B 75 7.46 21.72 1.77
N VAL B 76 6.52 20.78 1.78
CA VAL B 76 5.15 21.12 2.19
C VAL B 76 5.12 21.58 3.64
N ARG B 77 5.92 20.95 4.50
CA ARG B 77 5.99 21.38 5.89
C ARG B 77 6.44 22.84 6.01
N ASP B 78 7.47 23.20 5.25
CA ASP B 78 7.97 24.58 5.31
C ASP B 78 6.94 25.57 4.77
N ARG B 79 6.24 25.19 3.71
CA ARG B 79 5.18 26.05 3.15
C ARG B 79 4.09 26.30 4.17
N LEU B 80 3.59 25.23 4.82
CA LEU B 80 2.54 25.38 5.81
C LEU B 80 3.00 26.22 7.00
N LYS B 81 4.27 26.10 7.38
CA LYS B 81 4.78 26.92 8.47
C LYS B 81 4.79 28.40 8.09
N SER B 82 5.13 28.70 6.83
CA SER B 82 5.08 30.10 6.38
C SER B 82 3.65 30.60 6.32
N PHE B 83 2.75 29.82 5.68
CA PHE B 83 1.34 30.20 5.62
C PHE B 83 0.75 30.42 7.01
N GLN B 84 1.17 29.61 7.99
CA GLN B 84 0.62 29.75 9.33
C GLN B 84 1.16 30.97 10.06
N ALA B 85 2.27 31.53 9.61
CA ALA B 85 2.81 32.75 10.19
C ALA B 85 2.32 34.01 9.50
N GLY B 86 1.58 33.88 8.40
CA GLY B 86 1.14 35.02 7.64
C GLY B 86 -0.36 35.25 7.73
N PRO B 87 -0.90 36.01 6.78
CA PRO B 87 -2.33 36.37 6.82
C PRO B 87 -3.27 35.25 6.40
N PHE B 88 -2.78 34.19 5.77
CA PHE B 88 -3.62 33.07 5.38
C PHE B 88 -3.65 31.96 6.43
N SER B 89 -3.22 32.25 7.66
CA SER B 89 -3.23 31.24 8.70
C SER B 89 -4.65 30.75 8.96
N SER B 90 -4.78 29.46 9.26
CA SER B 90 -6.09 28.87 9.47
C SER B 90 -5.94 27.63 10.34
N ARG B 91 -7.03 27.31 11.06
CA ARG B 91 -7.07 26.09 11.84
C ARG B 91 -6.91 24.86 10.96
N GLU B 92 -7.39 24.92 9.71
CA GLU B 92 -7.26 23.79 8.80
C GLU B 92 -5.79 23.52 8.48
N ASN B 93 -5.02 24.58 8.23
CA ASN B 93 -3.60 24.39 7.91
C ASN B 93 -2.78 24.06 9.14
N ALA B 94 -3.22 24.47 10.33
CA ALA B 94 -2.55 24.04 11.55
C ALA B 94 -2.71 22.53 11.75
N CYS B 95 -3.88 21.99 11.42
CA CYS B 95 -4.08 20.55 11.53
C CYS B 95 -3.28 19.81 10.46
N ALA B 96 -3.29 20.31 9.22
CA ALA B 96 -2.52 19.70 8.15
C ALA B 96 -1.03 19.70 8.47
N LEU B 97 -0.53 20.80 9.07
CA LEU B 97 0.89 20.89 9.40
C LEU B 97 1.28 19.82 10.42
N THR B 98 0.50 19.69 11.49
CA THR B 98 0.82 18.70 12.52
C THR B 98 0.79 17.29 11.95
N HIS B 99 -0.18 16.99 11.07
CA HIS B 99 -0.21 15.68 10.42
C HIS B 99 0.99 15.47 9.52
N VAL B 100 1.44 16.51 8.83
CA VAL B 100 2.59 16.40 7.95
C VAL B 100 3.86 16.14 8.75
N GLU B 101 4.01 16.79 9.90
CA GLU B 101 5.20 16.60 10.71
C GLU B 101 5.20 15.22 11.36
N GLU B 102 4.04 14.72 11.78
CA GLU B 102 3.97 13.39 12.37
C GLU B 102 4.23 12.30 11.34
N ALA B 103 3.79 12.51 10.10
CA ALA B 103 4.20 11.64 9.01
C ALA B 103 5.72 11.65 8.85
N LEU B 104 6.33 12.83 8.91
CA LEU B 104 7.78 12.93 8.79
C LEU B 104 8.50 12.23 9.93
N TRP B 106 7.36 9.64 11.65
CA TRP B 106 7.21 8.20 11.49
C TRP B 106 8.20 7.66 10.46
N ASN B 108 11.14 9.02 9.79
CA ASN B 108 12.47 9.10 10.38
C ASN B 108 12.72 7.96 11.36
N ARG B 109 11.66 7.44 11.99
CA ARG B 109 11.82 6.30 12.90
C ARG B 109 12.32 5.07 12.17
N ARG B 110 11.83 4.85 10.95
CA ARG B 110 12.36 3.77 10.11
C ARG B 110 13.84 3.98 9.80
N VAL B 111 14.26 5.23 9.66
CA VAL B 111 15.65 5.52 9.36
C VAL B 111 16.53 5.28 10.58
N GLU B 112 16.15 5.87 11.72
CA GLU B 112 16.95 5.73 12.94
C GLU B 112 17.05 4.28 13.39
N ASP B 113 16.03 3.46 13.09
CA ASP B 113 16.11 2.05 13.43
C ASP B 113 17.10 1.32 12.54
N ARG B 114 17.19 1.72 11.27
CA ARG B 114 18.17 1.11 10.38
C ARG B 114 19.58 1.52 10.75
N ILE B 115 19.77 2.76 11.21
CA ILE B 115 21.08 3.19 11.69
C ILE B 115 21.52 2.32 12.86
N GLU B 116 20.62 2.04 13.79
CA GLU B 116 20.96 1.20 14.93
C GLU B 116 21.30 -0.22 14.49
N ARG B 117 20.59 -0.74 13.50
CA ARG B 117 20.83 -2.08 12.99
C ARG B 117 21.74 -2.04 11.76
N GLU C 4 -21.93 -23.70 -3.22
CA GLU C 4 -20.67 -22.97 -3.11
C GLU C 4 -19.50 -23.91 -2.88
N LEU C 5 -18.44 -23.76 -3.67
CA LEU C 5 -17.25 -24.59 -3.50
C LEU C 5 -16.53 -24.23 -2.21
N SER C 6 -16.02 -25.25 -1.52
CA SER C 6 -15.14 -25.05 -0.38
C SER C 6 -13.72 -24.93 -0.91
N THR C 7 -13.15 -23.74 -0.83
CA THR C 7 -11.88 -23.42 -1.47
C THR C 7 -10.71 -23.56 -0.50
N ILE C 8 -9.51 -23.69 -1.07
CA ILE C 8 -8.29 -23.75 -0.27
C ILE C 8 -8.15 -22.48 0.57
N GLN C 9 -8.34 -21.32 -0.07
CA GLN C 9 -8.35 -20.07 0.67
C GLN C 9 -9.59 -19.99 1.55
N LYS C 10 -9.41 -19.59 2.80
CA LYS C 10 -10.52 -19.50 3.74
C LYS C 10 -10.87 -18.08 4.16
N ARG C 11 -9.94 -17.13 4.03
CA ARG C 11 -10.14 -15.80 4.57
C ARG C 11 -9.91 -14.74 3.50
N GLU C 12 -10.70 -13.66 3.59
CA GLU C 12 -10.60 -12.50 2.71
C GLU C 12 -10.76 -12.90 1.24
N LYS C 13 -11.75 -13.74 0.96
CA LYS C 13 -12.05 -14.15 -0.40
C LYS C 13 -12.76 -13.02 -1.13
N LEU C 14 -12.24 -12.65 -2.30
CA LEU C 14 -12.86 -11.58 -3.08
C LEU C 14 -14.13 -12.06 -3.76
N ASN C 15 -14.14 -13.31 -4.22
CA ASN C 15 -15.26 -13.85 -4.98
C ASN C 15 -15.65 -15.22 -4.41
N THR C 16 -16.87 -15.63 -4.74
CA THR C 16 -17.34 -16.97 -4.46
C THR C 16 -17.55 -17.72 -5.77
N VAL C 17 -17.36 -19.03 -5.74
CA VAL C 17 -17.52 -19.89 -6.91
C VAL C 17 -18.53 -20.98 -6.56
N GLU C 18 -19.43 -21.28 -7.49
CA GLU C 18 -20.47 -22.26 -7.23
C GLU C 18 -20.75 -23.08 -8.49
N ARG C 19 -21.16 -24.33 -8.27
CA ARG C 19 -21.63 -25.17 -9.36
C ARG C 19 -22.94 -24.63 -9.91
N ILE C 20 -23.20 -24.93 -11.19
CA ILE C 20 -24.44 -24.58 -11.86
C ILE C 20 -24.92 -25.79 -12.64
N GLY C 21 -26.22 -26.08 -12.54
CA GLY C 21 -26.77 -27.24 -13.22
C GLY C 21 -26.59 -28.50 -12.40
N SER C 22 -26.68 -29.63 -13.09
CA SER C 22 -26.54 -30.94 -12.47
C SER C 22 -25.33 -31.66 -13.06
N GLU C 23 -25.06 -32.86 -12.54
CA GLU C 23 -23.90 -33.62 -12.98
C GLU C 23 -24.08 -34.13 -14.41
N GLY C 24 -23.01 -34.03 -15.19
CA GLY C 24 -23.03 -34.47 -16.56
C GLY C 24 -22.22 -35.73 -16.78
N PRO C 25 -21.51 -35.80 -17.91
CA PRO C 25 -20.66 -36.97 -18.18
C PRO C 25 -19.53 -37.07 -17.17
N GLY C 26 -19.24 -38.30 -16.75
CA GLY C 26 -18.21 -38.55 -15.77
C GLY C 26 -18.56 -38.15 -14.34
N GLY C 27 -19.76 -37.62 -14.11
CA GLY C 27 -20.13 -37.16 -12.79
C GLY C 27 -19.67 -35.74 -12.47
N ALA C 28 -19.29 -34.98 -13.48
CA ALA C 28 -18.76 -33.63 -13.29
C ALA C 28 -19.76 -32.59 -13.78
N TYR C 29 -19.70 -31.41 -13.16
CA TYR C 29 -20.51 -30.29 -13.61
C TYR C 29 -19.79 -29.55 -14.74
N HIS C 30 -20.58 -28.92 -15.61
CA HIS C 30 -20.04 -28.27 -16.80
C HIS C 30 -20.40 -26.80 -16.88
N GLU C 31 -20.78 -26.19 -15.75
CA GLU C 31 -21.05 -24.75 -15.72
C GLU C 31 -20.78 -24.24 -14.32
N TYR C 32 -20.02 -23.16 -14.21
CA TYR C 32 -19.66 -22.55 -12.94
C TYR C 32 -19.89 -21.05 -13.00
N VAL C 33 -20.11 -20.45 -11.83
CA VAL C 33 -20.33 -19.02 -11.70
C VAL C 33 -19.32 -18.47 -10.69
N ILE C 34 -18.58 -17.45 -11.10
CA ILE C 34 -17.71 -16.68 -10.22
C ILE C 34 -18.37 -15.33 -10.01
N LYS C 35 -18.82 -15.05 -8.78
CA LYS C 35 -19.47 -13.79 -8.49
C LYS C 35 -18.85 -13.15 -7.26
N SER C 36 -18.75 -11.83 -7.28
CA SER C 36 -18.10 -11.09 -6.22
C SER C 36 -18.99 -11.04 -4.97
N ASN C 37 -18.37 -10.69 -3.85
CA ASN C 37 -19.10 -10.46 -2.61
C ASN C 37 -19.58 -9.03 -2.46
N SER C 38 -18.94 -8.08 -3.13
CA SER C 38 -19.33 -6.68 -3.08
C SER C 38 -20.36 -6.36 -4.16
N ASP C 40 -22.79 -3.26 -6.51
CA ASP C 40 -22.79 -2.00 -7.25
C ASP C 40 -23.60 -0.94 -6.51
N SER C 41 -23.53 0.30 -7.01
CA SER C 41 -24.44 1.34 -6.55
C SER C 41 -25.88 1.00 -6.88
N GLN C 42 -26.11 0.35 -8.02
CA GLN C 42 -27.43 -0.12 -8.41
C GLN C 42 -27.76 -1.50 -7.84
N GLY C 43 -26.89 -2.05 -6.99
CA GLY C 43 -27.12 -3.35 -6.42
C GLY C 43 -26.68 -4.53 -7.26
N ASN C 44 -26.03 -4.28 -8.39
CA ASN C 44 -25.53 -5.36 -9.24
C ASN C 44 -24.21 -5.89 -8.70
N TYR C 45 -23.85 -7.09 -9.17
CA TYR C 45 -22.57 -7.68 -8.79
C TYR C 45 -21.43 -6.92 -9.45
N ASP C 46 -20.38 -6.63 -8.69
CA ASP C 46 -19.16 -6.09 -9.28
C ASP C 46 -18.57 -7.09 -10.28
N VAL C 47 -18.67 -8.38 -9.99
CA VAL C 47 -18.17 -9.44 -10.85
C VAL C 47 -19.25 -10.52 -10.95
N TYR C 48 -19.54 -10.95 -12.17
CA TYR C 48 -20.45 -12.07 -12.39
C TYR C 48 -20.06 -12.73 -13.70
N GLU C 49 -19.27 -13.80 -13.62
CA GLU C 49 -18.76 -14.50 -14.79
C GLU C 49 -19.27 -15.93 -14.80
N THR C 50 -19.83 -16.34 -15.94
CA THR C 50 -20.35 -17.68 -16.14
C THR C 50 -19.38 -18.46 -17.03
N ILE C 51 -18.81 -19.52 -16.50
CA ILE C 51 -17.86 -20.36 -17.22
C ILE C 51 -18.58 -21.64 -17.62
N LYS C 52 -18.81 -21.81 -18.92
CA LYS C 52 -19.42 -23.02 -19.45
C LYS C 52 -18.34 -23.86 -20.14
N PHE C 53 -18.33 -25.16 -19.84
CA PHE C 53 -17.35 -26.08 -20.38
C PHE C 53 -17.91 -26.85 -21.57
N GLN C 54 -17.00 -27.31 -22.42
CA GLN C 54 -17.38 -28.19 -23.52
C GLN C 54 -18.00 -29.47 -22.97
N LYS C 55 -19.23 -29.75 -23.39
CA LYS C 55 -19.94 -30.98 -22.99
C LYS C 55 -20.43 -31.65 -24.27
N GLY C 56 -19.71 -32.67 -24.71
CA GLY C 56 -19.95 -33.30 -25.98
C GLY C 56 -18.91 -32.92 -27.02
N ALA C 57 -18.97 -33.59 -28.16
CA ALA C 57 -17.98 -33.39 -29.21
C ALA C 57 -18.17 -32.04 -29.88
N ARG C 58 -17.05 -31.42 -30.26
CA ARG C 58 -17.09 -30.12 -30.93
C ARG C 58 -17.76 -30.20 -32.30
N LYS C 59 -17.78 -31.39 -32.91
CA LYS C 59 -18.40 -31.56 -34.22
C LYS C 59 -19.92 -31.67 -34.16
N GLU C 60 -20.48 -32.03 -33.01
CA GLU C 60 -21.91 -32.23 -32.88
C GLU C 60 -22.61 -30.94 -32.50
N GLU C 61 -23.68 -30.61 -33.21
CA GLU C 61 -24.45 -29.40 -32.92
C GLU C 61 -25.22 -29.52 -31.60
N LYS C 62 -25.47 -30.74 -31.13
CA LYS C 62 -26.19 -30.94 -29.88
C LYS C 62 -25.33 -30.61 -28.66
N SER C 63 -24.01 -30.58 -28.82
CA SER C 63 -23.11 -30.37 -27.70
C SER C 63 -23.12 -28.91 -27.26
N GLN C 64 -22.87 -28.70 -25.97
CA GLN C 64 -22.64 -27.36 -25.43
C GLN C 64 -21.18 -27.00 -25.66
N HIS C 65 -20.93 -26.02 -26.52
CA HIS C 65 -19.56 -25.64 -26.85
C HIS C 65 -19.04 -24.65 -25.81
N GLY C 66 -17.84 -24.92 -25.31
CA GLY C 66 -17.24 -24.08 -24.30
C GLY C 66 -15.76 -24.33 -24.15
N VAL C 67 -15.23 -23.93 -23.00
CA VAL C 67 -13.80 -24.04 -22.71
C VAL C 67 -13.50 -25.42 -22.15
N ILE C 68 -12.21 -25.76 -22.04
CA ILE C 68 -11.76 -26.96 -21.37
C ILE C 68 -10.89 -26.56 -20.19
N ASP C 69 -10.53 -27.54 -19.37
CA ASP C 69 -9.83 -27.25 -18.12
C ASP C 69 -8.43 -26.72 -18.37
N SER C 70 -7.72 -27.31 -19.33
CA SER C 70 -6.35 -26.86 -19.61
C SER C 70 -6.32 -25.41 -20.09
N ASP C 71 -7.39 -24.95 -20.75
CA ASP C 71 -7.45 -23.55 -21.15
C ASP C 71 -7.35 -22.62 -19.95
N LEU C 72 -8.04 -22.96 -18.85
CA LEU C 72 -7.99 -22.14 -17.65
C LEU C 72 -6.63 -22.20 -16.98
N LEU C 73 -5.97 -23.36 -17.03
CA LEU C 73 -4.63 -23.44 -16.46
C LEU C 73 -3.61 -22.69 -17.30
N GLU C 74 -3.77 -22.70 -18.63
CA GLU C 74 -2.87 -21.95 -19.49
C GLU C 74 -2.95 -20.46 -19.24
N ILE C 75 -4.13 -19.95 -18.90
CA ILE C 75 -4.24 -18.54 -18.53
C ILE C 75 -3.48 -18.29 -17.23
N VAL C 76 -3.72 -19.10 -16.21
CA VAL C 76 -3.03 -18.93 -14.93
C VAL C 76 -1.53 -19.13 -15.11
N ARG C 77 -1.13 -20.08 -15.95
CA ARG C 77 0.30 -20.29 -16.23
C ARG C 77 0.93 -19.03 -16.84
N ASP C 78 0.25 -18.43 -17.82
CA ASP C 78 0.78 -17.21 -18.43
C ASP C 78 0.83 -16.06 -17.43
N ARG C 79 -0.15 -15.99 -16.52
CA ARG C 79 -0.14 -14.94 -15.51
C ARG C 79 1.04 -15.12 -14.55
N LEU C 80 1.25 -16.35 -14.06
CA LEU C 80 2.36 -16.60 -13.14
C LEU C 80 3.70 -16.33 -13.82
N LYS C 81 3.83 -16.67 -15.11
CA LYS C 81 5.07 -16.40 -15.82
C LYS C 81 5.30 -14.90 -15.96
N SER C 82 4.23 -14.12 -16.13
CA SER C 82 4.38 -12.67 -16.19
C SER C 82 4.79 -12.12 -14.83
N PHE C 83 4.14 -12.56 -13.76
CA PHE C 83 4.48 -12.08 -12.43
C PHE C 83 5.90 -12.49 -12.05
N GLN C 84 6.33 -13.68 -12.47
CA GLN C 84 7.68 -14.13 -12.15
C GLN C 84 8.74 -13.33 -12.90
N ALA C 85 8.41 -12.82 -14.09
CA ALA C 85 9.33 -11.97 -14.83
C ALA C 85 9.29 -10.53 -14.38
N GLY C 86 8.33 -10.15 -13.54
CA GLY C 86 8.16 -8.78 -13.13
C GLY C 86 8.72 -8.50 -11.75
N PRO C 87 8.34 -7.36 -11.17
CA PRO C 87 8.90 -6.96 -9.87
C PRO C 87 8.34 -7.71 -8.67
N PHE C 88 7.23 -8.45 -8.84
CA PHE C 88 6.66 -9.23 -7.74
C PHE C 88 7.09 -10.70 -7.81
N SER C 89 8.18 -11.00 -8.49
CA SER C 89 8.71 -12.34 -8.56
C SER C 89 8.95 -12.89 -7.15
N SER C 90 8.56 -14.15 -6.95
CA SER C 90 8.63 -14.72 -5.60
C SER C 90 8.90 -16.22 -5.68
N ARG C 91 9.42 -16.74 -4.57
CA ARG C 91 9.62 -18.18 -4.45
C ARG C 91 8.29 -18.91 -4.43
N GLU C 92 7.29 -18.33 -3.78
CA GLU C 92 5.98 -18.96 -3.69
C GLU C 92 5.35 -19.15 -5.07
N ASN C 93 5.40 -18.10 -5.90
CA ASN C 93 4.83 -18.21 -7.23
C ASN C 93 5.69 -19.03 -8.19
N ALA C 94 6.99 -19.15 -7.90
CA ALA C 94 7.82 -20.07 -8.67
C ALA C 94 7.36 -21.51 -8.48
N CYS C 95 7.09 -21.89 -7.22
CA CYS C 95 6.58 -23.23 -6.95
C CYS C 95 5.18 -23.42 -7.52
N ALA C 96 4.31 -22.42 -7.37
CA ALA C 96 2.96 -22.55 -7.93
C ALA C 96 2.99 -22.67 -9.45
N LEU C 97 3.94 -21.99 -10.10
CA LEU C 97 4.06 -22.11 -11.56
C LEU C 97 4.47 -23.53 -11.97
N THR C 98 5.44 -24.11 -11.26
CA THR C 98 5.88 -25.46 -11.59
C THR C 98 4.75 -26.48 -11.42
N HIS C 99 3.93 -26.30 -10.37
CA HIS C 99 2.81 -27.22 -10.17
C HIS C 99 1.74 -27.06 -11.25
N VAL C 100 1.46 -25.82 -11.67
CA VAL C 100 0.48 -25.59 -12.72
C VAL C 100 0.92 -26.25 -14.02
N GLU C 101 2.19 -26.09 -14.38
CA GLU C 101 2.67 -26.65 -15.62
C GLU C 101 2.73 -28.17 -15.57
N GLU C 102 3.09 -28.74 -14.41
CA GLU C 102 3.09 -30.18 -14.28
C GLU C 102 1.67 -30.74 -14.32
N ALA C 103 0.69 -30.01 -13.80
CA ALA C 103 -0.70 -30.41 -13.99
C ALA C 103 -1.07 -30.39 -15.47
N LEU C 104 -0.64 -29.35 -16.19
CA LEU C 104 -0.93 -29.27 -17.62
C LEU C 104 -0.25 -30.39 -18.40
N TRP C 106 0.35 -33.46 -17.26
CA TRP C 106 -0.38 -34.69 -17.00
C TRP C 106 -1.65 -34.74 -17.83
N ASN C 108 -2.07 -33.17 -20.73
CA ASN C 108 -1.60 -33.38 -22.09
C ASN C 108 -1.18 -34.84 -22.30
N ARG C 109 -0.57 -35.45 -21.29
CA ARG C 109 -0.22 -36.87 -21.36
C ARG C 109 -1.45 -37.72 -21.61
N ARG C 110 -2.59 -37.35 -21.04
CA ARG C 110 -3.83 -38.09 -21.26
C ARG C 110 -4.35 -37.89 -22.67
N VAL C 111 -4.19 -36.68 -23.23
CA VAL C 111 -4.64 -36.42 -24.59
C VAL C 111 -3.79 -37.19 -25.60
N GLU C 112 -2.47 -37.23 -25.39
CA GLU C 112 -1.60 -37.96 -26.30
C GLU C 112 -1.84 -39.47 -26.23
N ASP C 113 -2.22 -39.98 -25.05
CA ASP C 113 -2.57 -41.39 -24.94
C ASP C 113 -3.83 -41.69 -25.75
N ARG C 114 -4.84 -40.83 -25.67
CA ARG C 114 -6.09 -41.06 -26.38
C ARG C 114 -5.91 -40.91 -27.88
N ILE C 115 -4.99 -40.04 -28.31
CA ILE C 115 -4.69 -39.95 -29.74
C ILE C 115 -4.01 -41.22 -30.23
N GLU C 116 -3.14 -41.80 -29.39
CA GLU C 116 -2.39 -42.99 -29.82
C GLU C 116 -3.30 -44.23 -29.87
N ARG C 117 -4.13 -44.42 -28.85
CA ARG C 117 -5.03 -45.58 -28.85
C ARG C 117 -6.05 -45.50 -29.96
N ASN C 118 -6.66 -44.33 -30.15
CA ASN C 118 -7.74 -44.18 -31.12
C ASN C 118 -7.22 -43.69 -32.47
N LYS D 3 0.08 -12.68 -29.98
CA LYS D 3 -0.81 -12.58 -28.83
C LYS D 3 -1.25 -13.96 -28.35
N GLU D 4 -1.23 -14.93 -29.25
CA GLU D 4 -1.66 -16.28 -28.91
C GLU D 4 -0.67 -16.93 -27.94
N LEU D 5 -1.21 -17.65 -26.96
CA LEU D 5 -0.38 -18.37 -25.99
C LEU D 5 0.20 -19.63 -26.62
N SER D 6 1.46 -19.92 -26.28
CA SER D 6 2.10 -21.18 -26.64
C SER D 6 1.78 -22.18 -25.53
N THR D 7 0.84 -23.07 -25.80
CA THR D 7 0.34 -23.99 -24.78
C THR D 7 1.18 -25.26 -24.73
N ILE D 8 1.01 -26.01 -23.65
CA ILE D 8 1.72 -27.28 -23.50
C ILE D 8 1.14 -28.35 -24.42
N GLN D 9 -0.19 -28.43 -24.50
CA GLN D 9 -0.83 -29.28 -25.49
C GLN D 9 -0.67 -28.64 -26.88
N LYS D 10 -0.12 -29.41 -27.82
CA LYS D 10 0.15 -28.90 -29.16
C LYS D 10 -0.81 -29.41 -30.23
N ARG D 11 -1.38 -30.59 -30.07
CA ARG D 11 -2.18 -31.22 -31.10
C ARG D 11 -3.64 -31.32 -30.70
N GLU D 12 -4.51 -31.27 -31.71
CA GLU D 12 -5.96 -31.43 -31.55
C GLU D 12 -6.50 -30.50 -30.47
N LYS D 13 -6.08 -29.24 -30.53
CA LYS D 13 -6.54 -28.24 -29.58
C LYS D 13 -7.97 -27.82 -29.93
N LEU D 14 -8.84 -27.82 -28.93
CA LEU D 14 -10.21 -27.37 -29.15
C LEU D 14 -10.27 -25.85 -29.28
N ASN D 15 -9.54 -25.14 -28.42
CA ASN D 15 -9.62 -23.69 -28.33
C ASN D 15 -8.23 -23.07 -28.40
N THR D 16 -8.22 -21.80 -28.76
CA THR D 16 -7.01 -20.97 -28.76
C THR D 16 -7.13 -19.95 -27.63
N VAL D 17 -6.02 -19.70 -26.94
CA VAL D 17 -5.96 -18.72 -25.86
C VAL D 17 -5.01 -17.60 -26.29
N GLU D 18 -5.37 -16.36 -25.96
CA GLU D 18 -4.57 -15.22 -26.35
C GLU D 18 -4.74 -14.09 -25.34
N ARG D 19 -3.71 -13.27 -25.21
CA ARG D 19 -3.75 -12.09 -24.35
C ARG D 19 -4.55 -10.98 -25.01
N ILE D 20 -5.15 -10.15 -24.18
CA ILE D 20 -5.90 -8.98 -24.64
C ILE D 20 -5.39 -7.76 -23.88
N GLY D 21 -5.10 -6.68 -24.60
CA GLY D 21 -4.66 -5.45 -23.97
C GLY D 21 -3.16 -5.36 -23.81
N SER D 22 -2.70 -4.67 -22.76
CA SER D 22 -1.29 -4.47 -22.50
C SER D 22 -0.95 -4.93 -21.09
N GLU D 23 0.35 -4.88 -20.79
CA GLU D 23 0.85 -5.29 -19.48
C GLU D 23 0.39 -4.32 -18.40
N GLY D 24 -0.15 -4.87 -17.31
CA GLY D 24 -0.67 -4.06 -16.24
C GLY D 24 0.13 -4.18 -14.96
N PRO D 25 -0.53 -4.07 -13.81
CA PRO D 25 0.18 -4.19 -12.53
C PRO D 25 0.90 -5.53 -12.42
N GLY D 26 2.14 -5.47 -11.92
CA GLY D 26 2.97 -6.64 -11.82
C GLY D 26 3.58 -7.10 -13.13
N GLY D 27 3.37 -6.36 -14.22
CA GLY D 27 3.83 -6.80 -15.53
C GLY D 27 2.99 -7.89 -16.14
N ALA D 28 1.75 -8.05 -15.68
CA ALA D 28 0.87 -9.13 -16.12
C ALA D 28 -0.30 -8.57 -16.92
N TYR D 29 -0.82 -9.40 -17.82
CA TYR D 29 -2.04 -9.06 -18.54
C TYR D 29 -3.25 -9.43 -17.70
N HIS D 30 -4.32 -8.64 -17.85
CA HIS D 30 -5.52 -8.81 -17.04
C HIS D 30 -6.77 -9.05 -17.88
N GLU D 31 -6.60 -9.43 -19.14
CA GLU D 31 -7.74 -9.83 -19.96
C GLU D 31 -7.28 -10.90 -20.94
N TYR D 32 -7.99 -12.02 -20.98
CA TYR D 32 -7.70 -13.12 -21.89
C TYR D 32 -8.97 -13.51 -22.63
N VAL D 33 -8.77 -14.09 -23.80
CA VAL D 33 -9.88 -14.57 -24.63
C VAL D 33 -9.61 -16.03 -24.98
N ILE D 34 -10.62 -16.88 -24.75
CA ILE D 34 -10.60 -18.28 -25.17
C ILE D 34 -11.57 -18.42 -26.33
N LYS D 35 -11.03 -18.66 -27.53
CA LYS D 35 -11.85 -18.80 -28.72
C LYS D 35 -11.60 -20.15 -29.38
N SER D 36 -12.62 -20.66 -30.05
CA SER D 36 -12.55 -21.98 -30.65
C SER D 36 -11.66 -21.96 -31.89
N ASN D 37 -10.96 -23.08 -32.11
CA ASN D 37 -10.22 -23.25 -33.35
C ASN D 37 -11.16 -23.37 -34.54
N SER D 38 -12.33 -23.96 -34.35
CA SER D 38 -13.32 -24.08 -35.40
C SER D 38 -14.01 -22.73 -35.62
N ASP D 40 -17.32 -20.91 -38.33
CA ASP D 40 -18.36 -21.12 -39.33
C ASP D 40 -18.73 -19.81 -40.01
N SER D 41 -19.35 -19.96 -41.19
CA SER D 41 -19.95 -18.87 -41.96
C SER D 41 -18.89 -17.80 -42.20
N GLN D 42 -19.15 -16.54 -41.87
CA GLN D 42 -18.20 -15.46 -42.15
C GLN D 42 -17.44 -15.07 -40.87
N GLY D 43 -16.66 -16.03 -40.39
CA GLY D 43 -15.77 -15.77 -39.27
C GLY D 43 -16.43 -15.80 -37.91
N ASN D 44 -17.44 -16.66 -37.73
CA ASN D 44 -18.12 -16.79 -36.45
C ASN D 44 -17.52 -17.96 -35.67
N TYR D 45 -17.16 -17.69 -34.42
CA TYR D 45 -16.53 -18.70 -33.57
C TYR D 45 -17.58 -19.51 -32.83
N ASP D 46 -17.31 -20.81 -32.67
CA ASP D 46 -18.15 -21.64 -31.81
C ASP D 46 -18.03 -21.23 -30.36
N VAL D 47 -16.83 -20.86 -29.92
CA VAL D 47 -16.56 -20.42 -28.56
C VAL D 47 -15.86 -19.07 -28.63
N TYR D 48 -16.33 -18.13 -27.81
CA TYR D 48 -15.62 -16.85 -27.65
C TYR D 48 -15.95 -16.33 -26.25
N GLU D 49 -15.02 -16.53 -25.32
CA GLU D 49 -15.19 -16.13 -23.93
C GLU D 49 -14.07 -15.19 -23.51
N THR D 50 -14.44 -14.14 -22.79
CA THR D 50 -13.49 -13.17 -22.25
C THR D 50 -13.35 -13.38 -20.75
N ILE D 51 -12.11 -13.42 -20.27
CA ILE D 51 -11.79 -13.57 -18.85
C ILE D 51 -11.10 -12.30 -18.40
N LYS D 52 -11.78 -11.50 -17.58
CA LYS D 52 -11.22 -10.27 -17.04
C LYS D 52 -10.81 -10.47 -15.60
N PHE D 53 -9.56 -10.11 -15.29
CA PHE D 53 -9.02 -10.27 -13.95
C PHE D 53 -9.14 -8.97 -13.15
N GLN D 54 -9.23 -9.13 -11.83
CA GLN D 54 -9.19 -7.99 -10.92
C GLN D 54 -7.91 -7.19 -11.12
N LYS D 55 -8.07 -5.91 -11.46
CA LYS D 55 -6.94 -5.01 -11.69
C LYS D 55 -7.06 -3.85 -10.70
N GLY D 56 -6.20 -3.85 -9.69
CA GLY D 56 -6.33 -2.96 -8.57
C GLY D 56 -7.10 -3.60 -7.42
N ALA D 57 -6.91 -3.02 -6.23
CA ALA D 57 -7.53 -3.58 -5.04
C ALA D 57 -9.05 -3.52 -5.14
N ARG D 58 -9.70 -4.57 -4.63
CA ARG D 58 -11.16 -4.63 -4.69
C ARG D 58 -11.81 -3.48 -3.92
N LYS D 59 -11.14 -2.98 -2.88
CA LYS D 59 -11.67 -1.91 -2.06
C LYS D 59 -11.46 -0.52 -2.66
N GLU D 60 -10.76 -0.41 -3.77
CA GLU D 60 -10.54 0.87 -4.44
C GLU D 60 -11.58 1.08 -5.54
N GLU D 61 -12.11 2.30 -5.63
CA GLU D 61 -13.13 2.60 -6.63
C GLU D 61 -12.57 2.76 -8.04
N LYS D 62 -11.27 3.02 -8.17
CA LYS D 62 -10.65 3.06 -9.50
C LYS D 62 -10.51 1.69 -10.12
N SER D 63 -10.54 0.63 -9.31
CA SER D 63 -10.14 -0.68 -9.78
C SER D 63 -11.12 -1.25 -10.79
N GLN D 64 -10.61 -2.11 -11.67
CA GLN D 64 -11.43 -2.89 -12.60
C GLN D 64 -11.63 -4.26 -11.98
N HIS D 65 -12.83 -4.49 -11.44
CA HIS D 65 -13.07 -5.71 -10.70
C HIS D 65 -13.21 -6.91 -11.64
N GLY D 66 -12.68 -8.05 -11.20
CA GLY D 66 -12.71 -9.25 -11.99
C GLY D 66 -12.41 -10.47 -11.13
N VAL D 67 -12.16 -11.59 -11.81
CA VAL D 67 -11.85 -12.84 -11.13
C VAL D 67 -10.37 -12.83 -10.75
N ILE D 68 -9.96 -13.74 -9.87
CA ILE D 68 -8.56 -13.94 -9.55
C ILE D 68 -8.16 -15.36 -9.94
N ASP D 69 -6.84 -15.61 -9.93
CA ASP D 69 -6.31 -16.82 -10.53
C ASP D 69 -6.77 -18.07 -9.78
N SER D 70 -6.83 -18.00 -8.45
CA SER D 70 -7.24 -19.17 -7.69
C SER D 70 -8.70 -19.53 -7.93
N ASP D 71 -9.53 -18.58 -8.35
CA ASP D 71 -10.90 -18.91 -8.74
C ASP D 71 -10.91 -19.91 -9.91
N LEU D 72 -10.02 -19.70 -10.89
CA LEU D 72 -9.95 -20.60 -12.02
C LEU D 72 -9.42 -21.97 -11.62
N LEU D 73 -8.46 -22.02 -10.70
CA LEU D 73 -7.93 -23.31 -10.25
C LEU D 73 -8.94 -24.07 -9.41
N GLU D 74 -9.70 -23.36 -8.57
CA GLU D 74 -10.72 -24.03 -7.76
C GLU D 74 -11.78 -24.68 -8.63
N ILE D 75 -12.10 -24.07 -9.77
CA ILE D 75 -13.04 -24.69 -10.71
C ILE D 75 -12.44 -25.97 -11.28
N VAL D 76 -11.19 -25.89 -11.75
CA VAL D 76 -10.53 -27.08 -12.29
C VAL D 76 -10.35 -28.14 -11.20
N ARG D 77 -10.03 -27.71 -9.98
CA ARG D 77 -9.91 -28.65 -8.87
C ARG D 77 -11.22 -29.39 -8.61
N ASP D 78 -12.34 -28.68 -8.66
CA ASP D 78 -13.63 -29.33 -8.43
C ASP D 78 -13.95 -30.32 -9.54
N ARG D 79 -13.70 -29.94 -10.79
CA ARG D 79 -13.96 -30.85 -11.91
C ARG D 79 -13.09 -32.10 -11.81
N LEU D 80 -11.84 -31.93 -11.40
CA LEU D 80 -10.95 -33.09 -11.28
C LEU D 80 -11.38 -34.00 -10.15
N LYS D 81 -11.84 -33.42 -9.03
CA LYS D 81 -12.36 -34.24 -7.94
C LYS D 81 -13.60 -35.01 -8.37
N SER D 82 -14.44 -34.38 -9.21
CA SER D 82 -15.62 -35.08 -9.70
C SER D 82 -15.24 -36.19 -10.68
N PHE D 83 -14.30 -35.92 -11.58
CA PHE D 83 -13.86 -36.96 -12.52
C PHE D 83 -13.19 -38.11 -11.80
N GLN D 84 -12.49 -37.83 -10.70
CA GLN D 84 -11.80 -38.88 -9.95
C GLN D 84 -12.77 -39.73 -9.14
N ALA D 85 -13.97 -39.22 -8.84
CA ALA D 85 -14.97 -39.98 -8.10
C ALA D 85 -15.92 -40.74 -9.01
N GLY D 86 -15.78 -40.62 -10.33
CA GLY D 86 -16.67 -41.24 -11.26
C GLY D 86 -16.01 -42.37 -12.03
N PRO D 87 -16.70 -42.87 -13.07
CA PRO D 87 -16.18 -44.04 -13.80
C PRO D 87 -14.99 -43.74 -14.69
N PHE D 88 -14.65 -42.47 -14.92
CA PHE D 88 -13.51 -42.11 -15.75
C PHE D 88 -12.29 -41.73 -14.92
N SER D 89 -12.20 -42.22 -13.69
CA SER D 89 -11.04 -41.94 -12.85
C SER D 89 -9.77 -42.48 -13.49
N SER D 90 -8.70 -41.70 -13.42
CA SER D 90 -7.45 -42.05 -14.07
C SER D 90 -6.27 -41.61 -13.23
N ARG D 91 -5.13 -42.26 -13.46
CA ARG D 91 -3.90 -41.88 -12.78
C ARG D 91 -3.43 -40.50 -13.20
N GLU D 92 -3.56 -40.18 -14.49
CA GLU D 92 -3.12 -38.88 -14.98
C GLU D 92 -3.84 -37.74 -14.28
N ASN D 93 -5.16 -37.86 -14.12
CA ASN D 93 -5.92 -36.81 -13.45
C ASN D 93 -5.73 -36.82 -11.95
N ALA D 94 -5.35 -37.96 -11.35
CA ALA D 94 -5.00 -37.98 -9.94
C ALA D 94 -3.75 -37.15 -9.68
N CYS D 95 -2.76 -37.25 -10.56
CA CYS D 95 -1.56 -36.44 -10.42
C CYS D 95 -1.85 -34.98 -10.72
N ALA D 96 -2.65 -34.71 -11.76
CA ALA D 96 -3.00 -33.33 -12.10
C ALA D 96 -3.76 -32.67 -10.95
N LEU D 97 -4.67 -33.41 -10.31
CA LEU D 97 -5.41 -32.85 -9.18
C LEU D 97 -4.48 -32.45 -8.04
N THR D 98 -3.51 -33.30 -7.72
CA THR D 98 -2.60 -33.00 -6.62
C THR D 98 -1.73 -31.78 -6.93
N HIS D 99 -1.29 -31.64 -8.19
CA HIS D 99 -0.49 -30.49 -8.56
C HIS D 99 -1.32 -29.21 -8.53
N VAL D 100 -2.58 -29.28 -8.95
CA VAL D 100 -3.46 -28.12 -8.89
C VAL D 100 -3.65 -27.68 -7.44
N GLU D 101 -3.90 -28.64 -6.54
CA GLU D 101 -4.14 -28.30 -5.14
C GLU D 101 -2.89 -27.71 -4.50
N GLU D 102 -1.71 -28.28 -4.79
CA GLU D 102 -0.49 -27.73 -4.22
C GLU D 102 -0.15 -26.35 -4.80
N ALA D 103 -0.50 -26.10 -6.06
CA ALA D 103 -0.39 -24.75 -6.60
C ALA D 103 -1.37 -23.82 -5.90
N LEU D 104 -2.58 -24.31 -5.60
CA LEU D 104 -3.55 -23.50 -4.87
C LEU D 104 -3.05 -23.16 -3.47
N TRP D 106 0.20 -22.94 -2.48
CA TRP D 106 1.29 -21.97 -2.58
C TRP D 106 0.76 -20.56 -2.80
N ASN D 108 -2.16 -19.36 -1.70
CA ASN D 108 -2.82 -18.89 -0.49
C ASN D 108 -1.83 -18.30 0.52
N ARG D 109 -0.53 -18.57 0.38
CA ARG D 109 0.44 -18.20 1.41
C ARG D 109 0.67 -16.69 1.45
N ARG D 110 0.76 -16.04 0.27
CA ARG D 110 0.92 -14.58 0.28
C ARG D 110 -0.34 -13.89 0.81
N VAL D 111 -1.50 -14.52 0.65
CA VAL D 111 -2.72 -13.99 1.26
C VAL D 111 -2.64 -14.08 2.78
N GLU D 112 -2.25 -15.26 3.29
CA GLU D 112 -2.13 -15.43 4.73
C GLU D 112 -1.06 -14.54 5.33
N ASP D 113 0.07 -14.39 4.63
CA ASP D 113 1.14 -13.53 5.14
C ASP D 113 0.74 -12.07 5.11
N ARG D 114 0.06 -11.62 4.05
CA ARG D 114 -0.41 -10.25 3.98
C ARG D 114 -1.39 -9.95 5.11
N ILE D 115 -2.27 -10.91 5.42
CA ILE D 115 -3.22 -10.72 6.52
C ILE D 115 -2.47 -10.62 7.85
N GLU D 116 -1.47 -11.49 8.04
CA GLU D 116 -0.71 -11.47 9.29
C GLU D 116 0.10 -10.18 9.42
N ARG D 117 0.56 -9.63 8.30
CA ARG D 117 1.36 -8.40 8.36
C ARG D 117 0.49 -7.20 8.73
N ASN D 118 -0.68 -7.07 8.09
CA ASN D 118 -1.59 -5.97 8.39
C ASN D 118 -2.55 -6.34 9.51
N LYS E 3 -1.98 18.68 46.65
CA LYS E 3 -0.74 17.99 46.33
C LYS E 3 -1.00 16.72 45.53
N GLU E 4 -2.10 16.03 45.84
CA GLU E 4 -2.43 14.80 45.15
C GLU E 4 -2.93 15.10 43.74
N LEU E 5 -2.46 14.31 42.78
CA LEU E 5 -2.84 14.51 41.39
C LEU E 5 -4.26 14.03 41.14
N SER E 6 -4.99 14.77 40.32
CA SER E 6 -6.30 14.35 39.83
C SER E 6 -6.08 13.60 38.52
N THR E 7 -6.21 12.28 38.57
CA THR E 7 -5.92 11.43 37.42
C THR E 7 -7.14 11.30 36.53
N ILE E 8 -6.93 10.72 35.34
CA ILE E 8 -8.02 10.50 34.41
C ILE E 8 -8.89 9.33 34.88
N GLN E 9 -8.27 8.23 35.28
CA GLN E 9 -9.00 7.15 35.92
C GLN E 9 -9.50 7.62 37.28
N LYS E 10 -10.80 7.48 37.52
CA LYS E 10 -11.41 8.03 38.72
C LYS E 10 -11.74 7.01 39.79
N ARG E 11 -12.03 5.77 39.41
CA ARG E 11 -12.50 4.76 40.35
C ARG E 11 -11.64 3.51 40.27
N GLU E 12 -11.67 2.74 41.36
CA GLU E 12 -10.91 1.49 41.50
C GLU E 12 -9.41 1.72 41.30
N LYS E 13 -8.92 2.88 41.74
CA LYS E 13 -7.51 3.19 41.62
C LYS E 13 -6.70 2.44 42.67
N LEU E 14 -5.60 1.81 42.24
CA LEU E 14 -4.77 1.06 43.17
C LEU E 14 -3.85 1.98 43.96
N ASN E 15 -3.33 3.02 43.33
CA ASN E 15 -2.32 3.88 43.93
C ASN E 15 -2.76 5.34 43.87
N THR E 16 -2.14 6.14 44.73
CA THR E 16 -2.33 7.59 44.75
C THR E 16 -1.01 8.24 44.35
N VAL E 17 -1.08 9.21 43.44
CA VAL E 17 0.09 9.95 42.98
C VAL E 17 0.13 11.30 43.69
N GLU E 18 1.29 11.65 44.21
CA GLU E 18 1.48 12.86 44.99
C GLU E 18 2.76 13.55 44.55
N ARG E 19 2.71 14.87 44.41
CA ARG E 19 3.90 15.64 44.06
C ARG E 19 4.58 16.12 45.33
N ILE E 20 5.91 16.15 45.30
CA ILE E 20 6.73 16.42 46.48
C ILE E 20 7.73 17.52 46.16
N GLY E 21 7.95 18.41 47.13
CA GLY E 21 8.96 19.43 46.99
C GLY E 21 8.41 20.72 46.42
N SER E 22 9.34 21.55 45.94
CA SER E 22 9.03 22.84 45.35
C SER E 22 9.08 22.75 43.83
N GLU E 23 8.71 23.85 43.19
CA GLU E 23 8.75 23.91 41.73
C GLU E 23 10.18 24.15 41.26
N GLY E 24 10.70 23.24 40.44
CA GLY E 24 12.04 23.36 39.92
C GLY E 24 12.09 24.19 38.65
N PRO E 25 13.07 23.90 37.79
CA PRO E 25 13.16 24.62 36.51
C PRO E 25 11.91 24.41 35.67
N GLY E 26 11.55 25.44 34.91
CA GLY E 26 10.36 25.41 34.10
C GLY E 26 9.07 25.40 34.88
N GLY E 27 9.13 25.63 36.20
CA GLY E 27 7.93 25.58 37.01
C GLY E 27 7.39 24.19 37.21
N ALA E 28 8.24 23.17 37.18
CA ALA E 28 7.83 21.79 37.27
C ALA E 28 8.34 21.16 38.56
N TYR E 29 7.50 20.30 39.16
CA TYR E 29 7.94 19.51 40.30
C TYR E 29 8.84 18.38 39.82
N HIS E 30 9.92 18.14 40.56
CA HIS E 30 10.93 17.18 40.15
C HIS E 30 11.01 15.97 41.09
N GLU E 31 9.99 15.78 41.93
CA GLU E 31 9.95 14.61 42.81
C GLU E 31 8.49 14.26 43.07
N TYR E 32 8.12 13.02 42.75
CA TYR E 32 6.77 12.52 42.93
C TYR E 32 6.81 11.25 43.78
N VAL E 33 5.69 10.95 44.44
CA VAL E 33 5.54 9.75 45.25
C VAL E 33 4.32 8.98 44.75
N ILE E 34 4.49 7.68 44.58
CA ILE E 34 3.39 6.78 44.20
C ILE E 34 3.15 5.87 45.39
N LYS E 35 2.14 6.21 46.21
CA LYS E 35 1.80 5.42 47.38
C LYS E 35 0.49 4.68 47.13
N SER E 36 0.37 3.51 47.77
CA SER E 36 -0.76 2.62 47.54
C SER E 36 -1.94 3.00 48.44
N ASN E 37 -3.15 2.73 47.94
CA ASN E 37 -4.34 2.94 48.74
C ASN E 37 -4.47 1.89 49.84
N SER E 38 -4.17 0.63 49.50
CA SER E 38 -4.31 -0.45 50.47
C SER E 38 -3.30 -0.31 51.60
N ASP E 40 -1.18 -2.24 54.88
CA ASP E 40 -0.65 -3.52 55.32
C ASP E 40 -1.34 -3.98 56.61
N SER E 41 -1.13 -5.25 56.95
CA SER E 41 -1.63 -5.76 58.22
C SER E 41 -0.99 -5.03 59.39
N GLN E 42 0.29 -4.70 59.27
CA GLN E 42 1.02 -3.96 60.29
C GLN E 42 0.95 -2.45 60.10
N GLY E 43 0.07 -1.98 59.23
CA GLY E 43 -0.16 -0.56 59.06
C GLY E 43 0.76 0.16 58.11
N ASN E 44 1.69 -0.54 57.47
CA ASN E 44 2.66 0.07 56.58
C ASN E 44 2.07 0.25 55.18
N TYR E 45 2.66 1.17 54.43
CA TYR E 45 2.25 1.38 53.04
C TYR E 45 2.64 0.18 52.20
N ASP E 46 1.68 -0.37 51.45
CA ASP E 46 1.99 -1.47 50.54
C ASP E 46 2.98 -1.04 49.47
N VAL E 47 2.75 0.12 48.87
CA VAL E 47 3.64 0.69 47.87
C VAL E 47 4.01 2.10 48.29
N TYR E 48 5.29 2.43 48.18
CA TYR E 48 5.76 3.79 48.45
C TYR E 48 7.02 4.04 47.62
N GLU E 49 6.86 3.98 46.30
CA GLU E 49 7.96 4.27 45.40
C GLU E 49 8.10 5.77 45.20
N THR E 50 9.34 6.25 45.23
CA THR E 50 9.66 7.65 45.03
C THR E 50 10.33 7.81 43.68
N ILE E 51 9.84 8.76 42.89
CA ILE E 51 10.34 9.02 41.54
C ILE E 51 11.03 10.39 41.57
N LYS E 52 12.36 10.39 41.57
CA LYS E 52 13.15 11.61 41.53
C LYS E 52 13.57 11.89 40.09
N PHE E 53 13.40 13.13 39.66
CA PHE E 53 13.70 13.51 38.29
C PHE E 53 15.02 14.27 38.21
N GLN E 54 15.70 14.09 37.08
CA GLN E 54 16.93 14.82 36.80
C GLN E 54 16.66 16.32 36.83
N LYS E 55 17.37 17.03 37.70
CA LYS E 55 17.22 18.48 37.86
C LYS E 55 18.58 19.12 37.63
N GLY E 56 18.70 19.89 36.56
CA GLY E 56 19.96 20.47 36.16
C GLY E 56 20.75 19.54 35.26
N ALA E 57 21.72 20.13 34.55
CA ALA E 57 22.52 19.36 33.61
C ALA E 57 23.33 18.30 34.33
N ARG E 58 23.48 17.14 33.68
CA ARG E 58 24.26 16.05 34.25
C ARG E 58 25.73 16.44 34.43
N LYS E 59 26.27 17.19 33.47
CA LYS E 59 27.70 17.51 33.49
C LYS E 59 28.04 18.47 34.62
N GLU E 60 27.11 19.30 35.04
CA GLU E 60 27.37 20.26 36.10
C GLU E 60 27.28 19.58 37.47
N GLU E 61 28.21 19.95 38.35
CA GLU E 61 28.24 19.40 39.69
C GLU E 61 27.02 19.87 40.50
N LYS E 62 26.91 19.32 41.71
CA LYS E 62 25.83 19.60 42.65
C LYS E 62 24.47 19.74 41.96
N SER E 63 24.17 18.76 41.11
CA SER E 63 22.90 18.69 40.40
C SER E 63 22.23 17.36 40.73
N GLN E 64 20.93 17.41 41.04
CA GLN E 64 20.20 16.19 41.37
C GLN E 64 20.06 15.32 40.14
N HIS E 65 20.62 14.12 40.18
CA HIS E 65 20.57 13.19 39.07
C HIS E 65 19.44 12.20 39.28
N GLY E 66 18.66 11.96 38.23
CA GLY E 66 17.53 11.06 38.31
C GLY E 66 17.01 10.65 36.94
N VAL E 67 15.71 10.34 36.88
CA VAL E 67 15.09 9.90 35.63
C VAL E 67 14.63 11.11 34.84
N ILE E 68 14.30 10.90 33.57
CA ILE E 68 13.66 11.92 32.74
C ILE E 68 12.34 11.36 32.23
N ASP E 69 11.52 12.25 31.67
CA ASP E 69 10.19 11.85 31.24
C ASP E 69 10.26 10.77 30.17
N SER E 70 11.25 10.83 29.29
CA SER E 70 11.39 9.84 28.23
C SER E 70 11.52 8.43 28.78
N ASP E 71 12.27 8.27 29.88
CA ASP E 71 12.53 6.94 30.43
C ASP E 71 11.24 6.27 30.89
N LEU E 72 10.34 7.03 31.50
CA LEU E 72 9.10 6.44 32.00
C LEU E 72 8.19 6.01 30.85
N LEU E 73 8.08 6.84 29.80
CA LEU E 73 7.25 6.45 28.67
C LEU E 73 7.82 5.26 27.93
N GLU E 74 9.15 5.11 27.91
CA GLU E 74 9.76 3.96 27.25
C GLU E 74 9.47 2.67 28.01
N ILE E 75 9.38 2.72 29.34
CA ILE E 75 9.00 1.55 30.10
C ILE E 75 7.56 1.16 29.79
N VAL E 76 6.66 2.15 29.79
CA VAL E 76 5.27 1.89 29.44
C VAL E 76 5.16 1.44 27.99
N ARG E 77 6.00 2.01 27.11
CA ARG E 77 5.99 1.59 25.72
C ARG E 77 6.40 0.12 25.58
N ASP E 78 7.40 -0.30 26.35
CA ASP E 78 7.87 -1.69 26.23
C ASP E 78 6.84 -2.67 26.78
N ARG E 79 6.15 -2.29 27.86
CA ARG E 79 5.13 -3.17 28.42
C ARG E 79 3.91 -3.25 27.49
N LEU E 80 3.57 -2.15 26.83
CA LEU E 80 2.48 -2.17 25.87
C LEU E 80 2.82 -3.04 24.67
N LYS E 81 4.07 -3.01 24.22
CA LYS E 81 4.49 -3.88 23.12
C LYS E 81 4.46 -5.35 23.54
N SER E 82 4.83 -5.64 24.79
CA SER E 82 4.75 -7.00 25.28
C SER E 82 3.30 -7.46 25.38
N PHE E 83 2.44 -6.65 26.01
CA PHE E 83 1.03 -6.98 26.12
C PHE E 83 0.39 -7.20 24.75
N GLN E 84 0.76 -6.37 23.77
CA GLN E 84 0.17 -6.50 22.44
C GLN E 84 0.64 -7.76 21.73
N ALA E 85 1.82 -8.28 22.08
CA ALA E 85 2.33 -9.49 21.45
C ALA E 85 1.82 -10.75 22.13
N GLY E 86 1.22 -10.65 23.32
CA GLY E 86 0.75 -11.79 24.04
C GLY E 86 -0.72 -12.04 23.83
N PRO E 87 -1.28 -12.98 24.59
CA PRO E 87 -2.72 -13.31 24.46
C PRO E 87 -3.65 -12.23 25.00
N PHE E 88 -3.11 -11.17 25.61
CA PHE E 88 -3.93 -10.09 26.15
C PHE E 88 -3.89 -8.85 25.28
N SER E 89 -3.58 -9.00 23.99
CA SER E 89 -3.62 -7.87 23.08
C SER E 89 -5.05 -7.35 22.95
N SER E 90 -5.18 -6.04 22.85
CA SER E 90 -6.49 -5.41 22.76
C SER E 90 -6.39 -4.17 21.88
N ARG E 91 -7.54 -3.78 21.33
CA ARG E 91 -7.58 -2.58 20.52
C ARG E 91 -7.30 -1.33 21.34
N GLU E 92 -7.72 -1.32 22.61
CA GLU E 92 -7.45 -0.18 23.47
C GLU E 92 -5.96 0.00 23.73
N ASN E 93 -5.24 -1.11 23.93
CA ASN E 93 -3.80 -1.01 24.17
C ASN E 93 -3.03 -0.71 22.89
N ALA E 94 -3.56 -1.09 21.73
CA ALA E 94 -2.92 -0.71 20.47
C ALA E 94 -2.95 0.80 20.28
N CYS E 95 -4.09 1.43 20.57
CA CYS E 95 -4.19 2.88 20.46
C CYS E 95 -3.33 3.59 21.51
N ALA E 96 -3.35 3.08 22.74
CA ALA E 96 -2.50 3.66 23.79
C ALA E 96 -1.03 3.55 23.44
N LEU E 97 -0.63 2.45 22.81
CA LEU E 97 0.76 2.28 22.39
C LEU E 97 1.15 3.34 21.35
N THR E 98 0.30 3.54 20.35
CA THR E 98 0.61 4.51 19.30
C THR E 98 0.69 5.93 19.85
N HIS E 99 -0.17 6.27 20.81
CA HIS E 99 -0.13 7.60 21.41
C HIS E 99 1.13 7.79 22.25
N VAL E 100 1.52 6.76 23.01
CA VAL E 100 2.75 6.85 23.81
C VAL E 100 3.96 7.02 22.92
N GLU E 101 3.99 6.32 21.80
CA GLU E 101 5.14 6.43 20.89
C GLU E 101 5.17 7.81 20.23
N GLU E 102 4.01 8.35 19.88
CA GLU E 102 3.98 9.66 19.25
C GLU E 102 4.31 10.77 20.25
N ALA E 103 3.97 10.59 21.52
CA ALA E 103 4.45 11.52 22.54
C ALA E 103 5.96 11.46 22.65
N LEU E 104 6.52 10.25 22.63
CA LEU E 104 7.97 10.09 22.70
C LEU E 104 8.66 10.75 21.51
N TRP E 106 7.56 13.26 19.72
CA TRP E 106 7.47 14.71 19.90
C TRP E 106 8.52 15.19 20.90
N ASN E 108 11.39 13.64 21.53
CA ASN E 108 12.69 13.48 20.89
C ASN E 108 12.96 14.58 19.88
N ARG E 109 11.92 15.06 19.20
CA ARG E 109 12.09 16.20 18.30
C ARG E 109 12.55 17.43 19.07
N ARG E 110 11.96 17.65 20.25
CA ARG E 110 12.38 18.76 21.10
C ARG E 110 13.84 18.61 21.51
N VAL E 111 14.29 17.38 21.71
CA VAL E 111 15.69 17.13 22.05
C VAL E 111 16.59 17.41 20.85
N GLU E 112 16.30 16.78 19.71
CA GLU E 112 17.14 16.94 18.53
C GLU E 112 17.10 18.38 18.01
N ASP E 113 16.02 19.11 18.27
CA ASP E 113 15.99 20.52 17.88
C ASP E 113 16.92 21.35 18.76
N ARG E 114 16.93 21.07 20.07
CA ARG E 114 17.86 21.80 20.94
C ARG E 114 19.30 21.39 20.69
N ILE E 115 19.54 20.14 20.30
CA ILE E 115 20.88 19.74 19.88
C ILE E 115 21.35 20.59 18.71
N GLU E 116 20.46 20.82 17.74
CA GLU E 116 20.81 21.63 16.58
C GLU E 116 21.07 23.08 16.97
N ARG E 117 20.32 23.59 17.94
CA ARG E 117 20.55 24.95 18.46
C ARG E 117 21.64 24.94 19.52
N ASN E 118 21.33 24.45 20.72
CA ASN E 118 22.29 24.40 21.81
C ASN E 118 21.86 23.42 22.91
#